data_4ZRX
#
_entry.id   4ZRX
#
_cell.length_a   63.021
_cell.length_b   71.754
_cell.length_c   73.106
_cell.angle_alpha   90.000
_cell.angle_beta   106.980
_cell.angle_gamma   90.000
#
_symmetry.space_group_name_H-M   'P 1 21 1'
#
loop_
_entity.id
_entity.type
_entity.pdbx_description
1 polymer 'F5/8 type C domain protein'
2 non-polymer 1,2-ETHANEDIOL
3 water water
#
_entity_poly.entity_id   1
_entity_poly.type   'polypeptide(L)'
_entity_poly.pdbx_seq_one_letter_code
;GQKKENYYVKHVEFPQSATIEQKVD(MSE)AARLVPTPQQYAWQQ(MSE)ELTAFLHFGINTFTGREWGDGKEDPALFNP
SELDAEQWVRTLKEAGFK(MSE)VLLTAKHHDGFCLWPTATTKHSVASSPWKNGQGDVVKELRAACDKYD(MSE)KFGVY
LSPWDRNAECYGDSPRYNDFFIRQLTELLTNYGEVHEVWFDGANGEGPNGKKQVYDWDAFYQTIQRLQPKAV(MSE)AI
(MSE)GDDVRWVGNEKGVGRETEWNATVLTPGIYARSQENNKRLGVFSKAEDLGSRKILEKATELFWYPSEVDVSIRPGW
FYHAEEDGKVKSLKHLSDIYFQSVGYNSVLLLNIPPDRRGLIHEADIKRLKEFADYRQQTFADNRVKNGRKYWSTTSGGE
AVYALKSKSEINLV(MSE)LQEDITKGQRVEAFTVEALTDNGWKEVGKGTTIGYKR(MSE)LRFPAVNANKLRVRIDECR
LTAYVSQVAAYYAEPLQEETTKEDWNNLPRSGWKQVAASPLTIDLGKTVTLSSFTYAPSKAEVKPT(MSE)AFRYQFFVS
(MSE)DGKSWKEVPASGEFSNI(MSE)HNPLPQTVAFSQKVQARFIKLEATTPDATVAKVN(MSE)NEIGV(MSE)VIP
;
_entity_poly.pdbx_strand_id   A
#
loop_
_chem_comp.id
_chem_comp.type
_chem_comp.name
_chem_comp.formula
EDO non-polymer 1,2-ETHANEDIOL 'C2 H6 O2'
#
# COMPACT_ATOMS: atom_id res chain seq x y z
N GLU A 5 -38.27 -0.02 -1.35
CA GLU A 5 -36.85 -0.43 -1.22
C GLU A 5 -36.22 0.09 0.04
N ASN A 6 -35.94 -0.78 1.01
CA ASN A 6 -35.26 -0.37 2.23
C ASN A 6 -33.79 -0.88 2.31
N TYR A 7 -33.00 -0.18 3.10
CA TYR A 7 -31.57 -0.45 3.25
C TYR A 7 -31.24 -0.56 4.73
N TYR A 8 -30.21 -1.33 5.02
CA TYR A 8 -29.70 -1.48 6.37
C TYR A 8 -28.42 -0.69 6.50
N VAL A 9 -28.39 0.31 7.35
CA VAL A 9 -27.19 1.12 7.51
C VAL A 9 -26.19 0.41 8.42
N LYS A 10 -25.01 0.07 7.85
CA LYS A 10 -23.80 -0.41 8.57
C LYS A 10 -23.81 -1.82 9.10
N HIS A 11 -24.98 -2.29 9.53
CA HIS A 11 -25.12 -3.65 10.06
C HIS A 11 -26.46 -4.22 9.73
N VAL A 12 -26.50 -5.51 9.43
CA VAL A 12 -27.74 -6.23 9.33
C VAL A 12 -27.58 -7.59 9.99
N GLU A 13 -28.62 -8.00 10.74
CA GLU A 13 -28.68 -9.32 11.36
CA GLU A 13 -28.66 -9.33 11.34
C GLU A 13 -29.62 -10.20 10.53
N PHE A 14 -29.19 -11.38 10.15
CA PHE A 14 -30.05 -12.27 9.38
C PHE A 14 -30.97 -12.98 10.40
N PRO A 15 -32.26 -13.07 10.09
CA PRO A 15 -33.18 -13.87 10.94
C PRO A 15 -32.73 -15.32 11.03
N GLN A 16 -33.11 -15.97 12.10
CA GLN A 16 -32.45 -17.21 12.52
C GLN A 16 -32.38 -18.33 11.49
N SER A 17 -33.40 -18.54 10.70
CA SER A 17 -33.29 -19.56 9.68
C SER A 17 -33.55 -18.92 8.32
N ALA A 18 -32.85 -17.81 8.07
CA ALA A 18 -32.82 -17.21 6.76
C ALA A 18 -32.18 -18.16 5.75
N THR A 19 -32.78 -18.26 4.58
CA THR A 19 -32.19 -19.00 3.47
C THR A 19 -31.06 -18.16 2.87
N ILE A 20 -30.22 -18.80 2.09
CA ILE A 20 -29.17 -18.09 1.38
C ILE A 20 -29.78 -17.01 0.48
N GLU A 21 -30.93 -17.26 -0.11
CA GLU A 21 -31.56 -16.23 -0.95
C GLU A 21 -31.93 -15.02 -0.11
N GLN A 22 -32.46 -15.25 1.09
CA GLN A 22 -32.82 -14.15 1.97
C GLN A 22 -31.56 -13.40 2.43
N LYS A 23 -30.52 -14.14 2.78
CA LYS A 23 -29.23 -13.50 3.15
C LYS A 23 -28.67 -12.64 2.03
N VAL A 24 -28.71 -13.15 0.80
CA VAL A 24 -28.21 -12.40 -0.33
C VAL A 24 -29.01 -11.13 -0.57
N ASP A 25 -30.34 -11.21 -0.42
CA ASP A 25 -31.23 -10.06 -0.60
C ASP A 25 -30.93 -8.98 0.44
N MSE A 26 -30.73 -9.39 1.70
CA MSE A 26 -30.43 -8.46 2.75
C MSE A 26 -29.01 -7.90 2.55
O MSE A 26 -28.78 -6.69 2.68
CB MSE A 26 -30.60 -9.14 4.10
CG MSE A 26 -32.07 -9.50 4.37
SE MSE A 26 -32.27 -10.38 6.09
CE MSE A 26 -32.33 -8.79 7.20
N ALA A 27 -28.09 -8.77 2.22
CA ALA A 27 -26.69 -8.34 2.01
C ALA A 27 -26.57 -7.23 0.93
N ALA A 28 -27.37 -7.38 -0.12
CA ALA A 28 -27.38 -6.45 -1.22
C ALA A 28 -27.84 -5.08 -0.79
N ARG A 29 -28.56 -4.99 0.33
CA ARG A 29 -29.11 -3.71 0.74
C ARG A 29 -28.48 -3.15 1.98
N LEU A 30 -27.28 -3.67 2.30
CA LEU A 30 -26.48 -3.15 3.37
C LEU A 30 -25.62 -2.00 2.86
N VAL A 31 -25.64 -0.88 3.54
CA VAL A 31 -25.12 0.37 3.02
C VAL A 31 -24.23 1.11 4.05
N PRO A 32 -23.25 1.92 3.62
CA PRO A 32 -22.44 2.73 4.55
C PRO A 32 -23.24 3.82 5.27
N THR A 33 -22.75 4.21 6.45
CA THR A 33 -23.17 5.48 7.07
C THR A 33 -22.73 6.62 6.20
N PRO A 34 -23.28 7.84 6.41
CA PRO A 34 -22.72 9.01 5.70
C PRO A 34 -21.24 9.20 5.98
N GLN A 35 -20.81 8.91 7.19
CA GLN A 35 -19.37 9.07 7.54
C GLN A 35 -18.49 8.07 6.79
N GLN A 36 -18.95 6.85 6.69
CA GLN A 36 -18.21 5.85 5.92
C GLN A 36 -18.17 6.16 4.46
N TYR A 37 -19.25 6.70 3.94
CA TYR A 37 -19.32 7.05 2.53
C TYR A 37 -18.43 8.19 2.22
N ALA A 38 -18.44 9.21 3.09
CA ALA A 38 -17.53 10.35 2.92
C ALA A 38 -16.05 9.91 3.00
N TRP A 39 -15.76 9.00 3.93
CA TRP A 39 -14.40 8.47 4.04
C TRP A 39 -13.94 7.83 2.76
N GLN A 40 -14.81 7.02 2.17
CA GLN A 40 -14.54 6.27 0.96
C GLN A 40 -14.18 7.25 -0.19
N GLN A 41 -14.87 8.37 -0.23
CA GLN A 41 -14.66 9.38 -1.27
C GLN A 41 -13.30 10.00 -1.23
N MSE A 42 -12.65 10.00 -0.06
CA MSE A 42 -11.31 10.58 -0.03
C MSE A 42 -10.34 9.89 -0.93
O MSE A 42 -9.50 10.56 -1.52
CB MSE A 42 -10.75 10.61 1.40
CG MSE A 42 -11.61 11.38 2.36
SE MSE A 42 -10.70 11.58 4.09
CE MSE A 42 -10.80 9.75 4.60
N GLU A 43 -10.36 8.56 -0.94
CA GLU A 43 -9.55 7.67 -1.76
C GLU A 43 -8.10 7.59 -1.35
N LEU A 44 -7.47 8.74 -1.11
CA LEU A 44 -6.01 8.84 -0.99
C LEU A 44 -5.67 9.70 0.19
N THR A 45 -5.07 9.11 1.19
CA THR A 45 -4.79 9.83 2.41
C THR A 45 -3.34 9.62 2.82
N ALA A 46 -2.84 10.44 3.72
CA ALA A 46 -1.43 10.37 4.12
C ALA A 46 -1.27 10.05 5.59
N PHE A 47 -0.40 9.10 5.87
CA PHE A 47 0.02 8.75 7.24
C PHE A 47 1.29 9.56 7.50
N LEU A 48 1.42 10.09 8.73
CA LEU A 48 2.61 10.70 9.22
C LEU A 48 3.09 9.99 10.49
N HIS A 49 3.99 9.04 10.36
CA HIS A 49 4.67 8.46 11.49
C HIS A 49 5.82 9.36 11.89
N PHE A 50 5.69 9.93 13.09
CA PHE A 50 6.62 10.89 13.64
C PHE A 50 6.55 10.79 15.14
N GLY A 51 7.70 10.79 15.79
CA GLY A 51 7.75 10.72 17.25
C GLY A 51 9.15 10.49 17.77
N ILE A 52 9.22 9.95 18.97
CA ILE A 52 10.54 9.70 19.53
C ILE A 52 11.30 8.62 18.71
N ASN A 53 10.57 7.72 18.06
CA ASN A 53 11.21 6.69 17.23
C ASN A 53 11.99 7.30 16.08
N THR A 54 11.55 8.48 15.60
CA THR A 54 12.28 9.17 14.56
C THR A 54 13.72 9.47 15.00
N PHE A 55 13.90 9.72 16.30
CA PHE A 55 15.18 10.13 16.88
C PHE A 55 16.01 8.98 17.40
N THR A 56 15.38 7.83 17.68
CA THR A 56 16.14 6.66 18.12
C THR A 56 16.50 5.70 17.00
N GLY A 57 15.82 5.79 15.88
CA GLY A 57 15.98 4.89 14.77
C GLY A 57 15.23 3.58 14.91
N ARG A 58 14.27 3.49 15.80
CA ARG A 58 13.54 2.28 16.03
C ARG A 58 12.20 2.29 15.28
N GLU A 59 11.73 1.14 14.84
CA GLU A 59 10.38 1.06 14.31
C GLU A 59 9.33 0.98 15.41
N TRP A 60 9.62 0.20 16.46
CA TRP A 60 8.77 0.19 17.64
C TRP A 60 9.67 0.60 18.81
N GLY A 61 9.24 1.59 19.56
CA GLY A 61 9.96 1.99 20.80
C GLY A 61 9.51 1.13 21.96
N ASP A 62 10.22 1.24 23.08
CA ASP A 62 9.95 0.34 24.21
C ASP A 62 9.34 1.02 25.42
N GLY A 63 9.16 2.34 25.35
CA GLY A 63 8.51 3.07 26.46
C GLY A 63 9.52 3.60 27.48
N LYS A 64 10.78 3.25 27.31
CA LYS A 64 11.87 3.69 28.22
C LYS A 64 12.67 4.81 27.64
N GLU A 65 12.32 5.27 26.44
CA GLU A 65 13.06 6.33 25.81
C GLU A 65 13.04 7.61 26.68
N ASP A 66 14.15 8.32 26.63
CA ASP A 66 14.29 9.59 27.32
C ASP A 66 13.59 10.67 26.44
N PRO A 67 12.54 11.38 26.98
CA PRO A 67 11.98 12.48 26.12
C PRO A 67 12.96 13.49 25.59
N ALA A 68 14.11 13.61 26.23
CA ALA A 68 15.19 14.47 25.77
C ALA A 68 15.61 14.20 24.33
N LEU A 69 15.40 12.99 23.85
CA LEU A 69 15.80 12.63 22.51
C LEU A 69 14.90 13.28 21.45
N PHE A 70 13.67 13.60 21.85
CA PHE A 70 12.74 14.27 20.87
C PHE A 70 13.15 15.69 20.68
N ASN A 71 13.84 15.96 19.58
CA ASN A 71 14.31 17.31 19.35
C ASN A 71 14.47 17.67 17.89
N PRO A 72 13.36 17.81 17.17
CA PRO A 72 13.46 18.21 15.77
C PRO A 72 14.12 19.53 15.54
N SER A 73 15.06 19.59 14.58
CA SER A 73 15.87 20.79 14.48
C SER A 73 15.20 21.97 13.82
N GLU A 74 14.22 21.76 12.92
CA GLU A 74 13.57 22.87 12.24
C GLU A 74 12.16 22.48 11.78
N LEU A 75 11.37 22.02 12.72
CA LEU A 75 10.11 21.39 12.37
C LEU A 75 9.23 22.41 11.64
N ASP A 76 8.59 21.96 10.56
CA ASP A 76 7.71 22.80 9.78
C ASP A 76 6.56 21.96 9.25
N ALA A 77 5.45 21.95 10.00
CA ALA A 77 4.27 21.24 9.60
C ALA A 77 3.54 21.81 8.39
N GLU A 78 3.73 23.10 8.12
CA GLU A 78 3.24 23.70 6.86
C GLU A 78 3.92 23.04 5.65
N GLN A 79 5.21 22.70 5.79
CA GLN A 79 5.93 22.01 4.73
C GLN A 79 5.35 20.64 4.49
N TRP A 80 5.00 19.95 5.58
CA TRP A 80 4.33 18.67 5.44
C TRP A 80 3.00 18.81 4.66
N VAL A 81 2.13 19.68 5.14
CA VAL A 81 0.79 19.75 4.61
C VAL A 81 0.79 20.33 3.22
N ARG A 82 1.63 21.31 2.95
CA ARG A 82 1.70 21.89 1.59
C ARG A 82 2.13 20.78 0.59
N THR A 83 3.16 20.04 0.98
CA THR A 83 3.67 18.96 0.15
C THR A 83 2.55 17.95 -0.14
N LEU A 84 1.84 17.55 0.92
CA LEU A 84 0.83 16.51 0.79
C LEU A 84 -0.44 16.99 0.06
N LYS A 85 -0.79 18.27 0.24
CA LYS A 85 -1.90 18.86 -0.51
C LYS A 85 -1.59 18.87 -1.97
N GLU A 86 -0.40 19.35 -2.31
CA GLU A 86 0.03 19.42 -3.70
C GLU A 86 0.18 18.03 -4.33
N ALA A 87 0.51 17.03 -3.53
CA ALA A 87 0.60 15.64 -4.00
C ALA A 87 -0.71 14.89 -4.10
N GLY A 88 -1.82 15.51 -3.74
CA GLY A 88 -3.11 14.97 -3.94
C GLY A 88 -3.81 14.31 -2.79
N PHE A 89 -3.22 14.32 -1.60
CA PHE A 89 -3.83 13.70 -0.44
C PHE A 89 -4.99 14.48 0.11
N LYS A 90 -5.96 13.75 0.65
CA LYS A 90 -7.20 14.34 1.15
C LYS A 90 -7.33 14.39 2.65
N MSE A 91 -6.40 13.77 3.36
CA MSE A 91 -6.36 13.82 4.80
C MSE A 91 -4.90 13.53 5.20
O MSE A 91 -4.16 12.85 4.48
CB MSE A 91 -7.27 12.78 5.42
CG MSE A 91 -7.40 12.89 6.86
SE MSE A 91 -8.52 11.57 7.67
CE MSE A 91 -7.23 10.19 7.49
N VAL A 92 -4.50 14.08 6.31
CA VAL A 92 -3.26 13.71 6.97
C VAL A 92 -3.57 13.10 8.30
N LEU A 93 -2.88 11.99 8.61
CA LEU A 93 -3.16 11.24 9.80
C LEU A 93 -1.90 11.08 10.61
N LEU A 94 -1.86 11.72 11.77
CA LEU A 94 -0.61 11.80 12.56
C LEU A 94 -0.59 10.77 13.68
N THR A 95 0.56 10.13 13.90
CA THR A 95 0.81 9.31 15.07
C THR A 95 1.04 10.21 16.30
N ALA A 96 -0.05 10.64 16.91
CA ALA A 96 0.01 11.49 18.08
C ALA A 96 0.68 10.73 19.25
N LYS A 97 0.46 9.41 19.30
CA LYS A 97 1.09 8.55 20.27
C LYS A 97 1.22 7.18 19.64
N HIS A 98 2.46 6.69 19.51
CA HIS A 98 2.73 5.35 19.02
C HIS A 98 2.91 4.39 20.22
N HIS A 99 3.31 3.14 19.95
CA HIS A 99 3.28 2.08 21.00
C HIS A 99 4.15 2.40 22.19
N ASP A 100 5.21 3.15 21.91
CA ASP A 100 6.15 3.64 22.93
C ASP A 100 5.53 4.58 23.95
N GLY A 101 4.39 5.19 23.63
CA GLY A 101 3.65 5.97 24.60
C GLY A 101 4.01 7.42 24.71
N PHE A 102 4.99 7.85 23.91
CA PHE A 102 5.42 9.23 23.86
C PHE A 102 4.41 10.14 23.14
N CYS A 103 3.83 11.09 23.85
CA CYS A 103 2.78 11.95 23.28
C CYS A 103 3.37 13.16 22.60
N LEU A 104 2.89 13.43 21.36
CA LEU A 104 3.29 14.60 20.59
C LEU A 104 2.61 15.94 20.91
N TRP A 105 1.75 15.95 21.93
CA TRP A 105 1.10 17.12 22.43
C TRP A 105 1.26 17.07 23.97
N PRO A 106 1.21 18.26 24.58
CA PRO A 106 1.41 18.35 26.06
C PRO A 106 0.17 17.91 26.80
N THR A 107 -0.04 16.62 26.84
CA THR A 107 -1.17 16.02 27.51
C THR A 107 -1.11 16.26 29.03
N ALA A 108 -2.28 16.41 29.64
CA ALA A 108 -2.37 16.46 31.12
C ALA A 108 -2.18 15.07 31.72
N THR A 109 -2.13 14.00 30.90
CA THR A 109 -2.20 12.64 31.41
C THR A 109 -0.86 12.03 31.84
N THR A 110 0.22 12.55 31.30
CA THR A 110 1.55 11.94 31.51
C THR A 110 2.62 12.96 31.24
N LYS A 111 3.75 12.77 31.90
CA LYS A 111 4.97 13.52 31.64
C LYS A 111 5.69 13.06 30.40
N HIS A 112 5.31 11.91 29.84
CA HIS A 112 6.03 11.32 28.74
C HIS A 112 5.49 11.92 27.44
N SER A 113 5.90 13.14 27.20
CA SER A 113 5.43 13.93 26.08
C SER A 113 6.41 14.98 25.68
N VAL A 114 6.06 15.71 24.65
CA VAL A 114 6.84 16.86 24.19
C VAL A 114 7.10 17.93 25.28
N ALA A 115 6.22 17.99 26.26
CA ALA A 115 6.40 18.92 27.40
C ALA A 115 7.68 18.65 28.19
N SER A 116 8.14 17.40 28.18
CA SER A 116 9.36 16.96 28.86
C SER A 116 10.53 16.91 27.93
N SER A 117 10.39 17.41 26.69
CA SER A 117 11.45 17.44 25.70
CA SER A 117 11.45 17.43 25.69
CA SER A 117 11.46 17.43 25.71
C SER A 117 12.08 18.82 25.62
N PRO A 118 13.33 18.91 25.09
CA PRO A 118 14.00 20.21 24.93
C PRO A 118 13.49 21.01 23.75
N TRP A 119 12.75 20.38 22.85
CA TRP A 119 12.17 21.02 21.70
C TRP A 119 11.30 22.19 22.14
N LYS A 120 11.59 23.36 21.59
CA LYS A 120 10.90 24.59 21.94
C LYS A 120 10.78 24.78 23.44
N ASN A 121 11.84 24.40 24.17
CA ASN A 121 11.88 24.58 25.63
C ASN A 121 10.72 23.95 26.36
N GLY A 122 10.23 22.83 25.81
CA GLY A 122 9.11 22.13 26.42
C GLY A 122 7.75 22.72 26.14
N GLN A 123 7.71 23.76 25.30
CA GLN A 123 6.49 24.50 25.03
C GLN A 123 5.86 24.11 23.72
N GLY A 124 6.33 23.03 23.11
CA GLY A 124 5.80 22.63 21.82
C GLY A 124 4.57 21.76 21.83
N ASP A 125 3.92 21.69 20.66
CA ASP A 125 2.81 20.81 20.49
C ASP A 125 2.74 20.48 18.97
N VAL A 126 3.16 19.28 18.61
CA VAL A 126 3.24 18.90 17.19
C VAL A 126 1.85 18.83 16.61
N VAL A 127 0.93 18.33 17.41
CA VAL A 127 -0.44 18.17 16.96
C VAL A 127 -1.03 19.54 16.63
N LYS A 128 -0.76 20.54 17.47
CA LYS A 128 -1.19 21.87 17.22
C LYS A 128 -0.58 22.45 15.95
N GLU A 129 0.73 22.28 15.74
CA GLU A 129 1.36 22.81 14.56
C GLU A 129 0.76 22.16 13.29
N LEU A 130 0.50 20.86 13.35
CA LEU A 130 -0.11 20.18 12.22
C LEU A 130 -1.52 20.72 11.97
N ARG A 131 -2.29 20.88 13.05
CA ARG A 131 -3.64 21.42 12.85
C ARG A 131 -3.65 22.79 12.25
N ALA A 132 -2.73 23.67 12.67
CA ALA A 132 -2.61 24.99 12.08
C ALA A 132 -2.31 24.96 10.56
N ALA A 133 -1.43 24.06 10.16
CA ALA A 133 -1.11 23.83 8.76
C ALA A 133 -2.32 23.24 8.01
N CYS A 134 -3.08 22.35 8.64
CA CYS A 134 -4.30 21.86 8.00
C CYS A 134 -5.32 22.98 7.83
N ASP A 135 -5.44 23.86 8.84
CA ASP A 135 -6.30 25.06 8.75
C ASP A 135 -5.93 25.92 7.54
N LYS A 136 -4.64 26.12 7.31
CA LYS A 136 -4.17 26.98 6.23
C LYS A 136 -4.49 26.41 4.85
N TYR A 137 -4.28 25.12 4.69
CA TYR A 137 -4.46 24.44 3.37
C TYR A 137 -5.77 23.72 3.19
N ASP A 138 -6.69 23.85 4.14
CA ASP A 138 -8.00 23.20 4.09
C ASP A 138 -7.83 21.70 3.86
N MSE A 139 -7.02 21.10 4.73
CA MSE A 139 -6.71 19.68 4.68
C MSE A 139 -7.39 19.00 5.83
O MSE A 139 -7.29 19.43 6.98
CB MSE A 139 -5.19 19.47 4.73
CG MSE A 139 -4.72 18.04 5.00
SE MSE A 139 -4.90 17.01 3.33
CE MSE A 139 -3.27 17.44 2.45
N LYS A 140 -8.01 17.84 5.56
CA LYS A 140 -8.67 17.09 6.62
C LYS A 140 -7.59 16.44 7.52
N PHE A 141 -7.97 16.15 8.74
CA PHE A 141 -7.02 15.81 9.82
C PHE A 141 -7.55 14.60 10.49
N GLY A 142 -6.64 13.69 10.78
CA GLY A 142 -6.94 12.51 11.54
C GLY A 142 -5.86 12.22 12.55
N VAL A 143 -6.20 11.42 13.56
CA VAL A 143 -5.27 11.03 14.61
C VAL A 143 -5.16 9.53 14.83
N TYR A 144 -3.93 9.09 15.08
CA TYR A 144 -3.54 7.74 15.47
C TYR A 144 -3.17 7.86 16.94
N LEU A 145 -3.87 7.10 17.78
CA LEU A 145 -3.61 7.11 19.21
C LEU A 145 -3.46 5.66 19.63
N SER A 146 -2.23 5.22 19.88
CA SER A 146 -1.98 3.77 20.10
C SER A 146 -2.68 3.20 21.34
N PRO A 147 -3.56 2.22 21.16
CA PRO A 147 -4.14 1.54 22.35
C PRO A 147 -3.03 0.92 23.21
N TRP A 148 -2.10 0.18 22.59
CA TRP A 148 -0.98 -0.40 23.34
C TRP A 148 -0.02 0.75 23.72
N ASP A 149 0.30 0.84 25.02
CA ASP A 149 1.13 1.91 25.52
C ASP A 149 2.18 1.25 26.42
N ARG A 150 3.44 1.29 26.00
CA ARG A 150 4.49 0.61 26.70
C ARG A 150 5.12 1.51 27.77
N ASN A 151 4.72 2.77 27.87
CA ASN A 151 5.28 3.67 28.87
C ASN A 151 4.36 3.80 30.06
N ALA A 152 3.08 3.96 29.82
CA ALA A 152 2.12 4.27 30.86
C ALA A 152 2.10 3.19 31.96
N GLU A 153 2.33 3.63 33.21
CA GLU A 153 2.38 2.70 34.31
C GLU A 153 1.05 1.98 34.46
N CYS A 154 -0.07 2.66 34.13
CA CYS A 154 -1.39 2.10 34.38
C CYS A 154 -1.84 1.17 33.27
N TYR A 155 -1.04 1.02 32.18
CA TYR A 155 -1.38 0.06 31.12
C TYR A 155 -1.48 -1.35 31.68
N GLY A 156 -2.62 -1.99 31.47
CA GLY A 156 -2.85 -3.33 31.95
C GLY A 156 -3.58 -3.37 33.30
N ASP A 157 -3.73 -2.22 33.97
CA ASP A 157 -4.71 -2.03 35.07
C ASP A 157 -5.93 -1.50 34.33
N SER A 158 -6.77 -2.39 33.83
CA SER A 158 -7.67 -2.03 32.72
C SER A 158 -8.52 -0.75 32.91
N PRO A 159 -9.25 -0.60 34.04
CA PRO A 159 -10.11 0.61 34.13
C PRO A 159 -9.33 1.88 34.22
N ARG A 160 -8.17 1.84 34.85
CA ARG A 160 -7.35 3.01 35.03
C ARG A 160 -6.79 3.43 33.66
N TYR A 161 -6.32 2.46 32.93
CA TYR A 161 -5.82 2.78 31.56
C TYR A 161 -6.93 3.20 30.62
N ASN A 162 -8.10 2.61 30.75
CA ASN A 162 -9.23 3.04 29.93
C ASN A 162 -9.55 4.49 30.18
N ASP A 163 -9.58 4.91 31.46
CA ASP A 163 -9.83 6.33 31.78
CA ASP A 163 -9.85 6.32 31.75
C ASP A 163 -8.74 7.23 31.21
N PHE A 164 -7.51 6.79 31.38
CA PHE A 164 -6.31 7.50 30.90
C PHE A 164 -6.39 7.71 29.38
N PHE A 165 -6.72 6.64 28.72
CA PHE A 165 -6.89 6.62 27.25
C PHE A 165 -7.97 7.57 26.81
N ILE A 166 -9.12 7.55 27.51
CA ILE A 166 -10.18 8.46 27.16
C ILE A 166 -9.72 9.87 27.39
N ARG A 167 -8.95 10.13 28.47
CA ARG A 167 -8.51 11.51 28.68
CA ARG A 167 -8.45 11.49 28.76
C ARG A 167 -7.59 11.96 27.57
N GLN A 168 -6.69 11.08 27.11
CA GLN A 168 -5.85 11.43 25.93
C GLN A 168 -6.65 11.70 24.65
N LEU A 169 -7.61 10.82 24.43
CA LEU A 169 -8.50 10.89 23.26
C LEU A 169 -9.33 12.13 23.28
N THR A 170 -9.85 12.49 24.46
CA THR A 170 -10.66 13.69 24.63
C THR A 170 -9.83 14.92 24.35
N GLU A 171 -8.56 14.96 24.76
CA GLU A 171 -7.75 16.12 24.38
C GLU A 171 -7.63 16.26 22.86
N LEU A 172 -7.30 15.15 22.22
CA LEU A 172 -7.09 15.15 20.78
C LEU A 172 -8.32 15.51 19.99
N LEU A 173 -9.48 15.15 20.55
CA LEU A 173 -10.75 15.36 19.85
C LEU A 173 -11.47 16.64 20.26
N THR A 174 -10.90 17.40 21.20
CA THR A 174 -11.47 18.67 21.71
C THR A 174 -10.66 19.86 21.23
N ASN A 175 -9.33 19.77 21.39
CA ASN A 175 -8.48 20.95 21.20
C ASN A 175 -7.90 21.16 19.85
N TYR A 176 -8.24 20.30 18.86
CA TYR A 176 -7.61 20.40 17.55
C TYR A 176 -8.65 20.35 16.41
N GLY A 177 -9.77 21.05 16.58
CA GLY A 177 -10.73 21.18 15.50
C GLY A 177 -11.33 19.83 15.07
N GLU A 178 -11.82 19.78 13.85
CA GLU A 178 -12.51 18.62 13.33
C GLU A 178 -11.52 17.52 12.98
N VAL A 179 -11.91 16.30 13.31
CA VAL A 179 -11.13 15.12 13.14
C VAL A 179 -11.96 14.13 12.31
N HIS A 180 -11.42 13.69 11.17
CA HIS A 180 -12.17 12.82 10.26
C HIS A 180 -11.89 11.32 10.44
N GLU A 181 -10.79 10.95 11.08
CA GLU A 181 -10.49 9.54 11.28
C GLU A 181 -9.68 9.40 12.55
N VAL A 182 -10.00 8.36 13.33
CA VAL A 182 -9.31 7.99 14.55
C VAL A 182 -8.85 6.55 14.40
N TRP A 183 -7.52 6.36 14.39
CA TRP A 183 -6.93 5.10 14.07
C TRP A 183 -6.49 4.42 15.36
N PHE A 184 -7.04 3.24 15.63
CA PHE A 184 -6.68 2.43 16.79
C PHE A 184 -6.04 1.13 16.34
N ASP A 185 -4.71 1.14 16.30
CA ASP A 185 -3.91 0.04 15.87
C ASP A 185 -4.18 -1.17 16.75
N GLY A 186 -4.30 -2.34 16.11
CA GLY A 186 -4.54 -3.60 16.86
C GLY A 186 -3.27 -4.27 17.34
N ALA A 187 -2.14 -3.77 16.88
CA ALA A 187 -0.84 -4.40 17.17
C ALA A 187 -0.55 -4.34 18.65
N ASN A 188 -0.09 -5.46 19.18
CA ASN A 188 0.19 -5.58 20.56
C ASN A 188 1.28 -6.64 20.73
N GLY A 189 2.42 -6.25 21.26
CA GLY A 189 3.53 -7.20 21.47
C GLY A 189 3.74 -7.58 22.92
N GLU A 190 2.77 -7.37 23.80
CA GLU A 190 2.94 -7.79 25.19
C GLU A 190 3.20 -9.31 25.24
N GLY A 191 2.46 -10.06 24.42
CA GLY A 191 2.67 -11.49 24.17
C GLY A 191 1.95 -12.35 25.22
N PRO A 192 2.21 -13.68 25.25
CA PRO A 192 1.59 -14.51 26.32
C PRO A 192 1.90 -14.03 27.76
N ASN A 193 3.06 -13.39 27.95
CA ASN A 193 3.44 -12.77 29.23
C ASN A 193 3.27 -11.26 29.18
N GLY A 194 3.60 -10.56 30.27
CA GLY A 194 3.41 -9.11 30.33
C GLY A 194 1.93 -8.71 30.46
N LYS A 195 1.60 -7.51 29.99
CA LYS A 195 0.42 -6.78 30.48
C LYS A 195 -0.86 -7.07 29.67
N LYS A 196 -1.99 -7.23 30.36
CA LYS A 196 -3.24 -7.64 29.74
C LYS A 196 -4.33 -6.60 29.87
N GLN A 197 -4.44 -5.75 28.86
CA GLN A 197 -5.39 -4.66 28.90
C GLN A 197 -6.70 -5.12 28.29
N VAL A 198 -7.81 -4.83 28.95
CA VAL A 198 -9.14 -5.07 28.38
C VAL A 198 -9.65 -3.69 28.07
N TYR A 199 -9.66 -3.36 26.78
CA TYR A 199 -10.03 -2.04 26.35
C TYR A 199 -11.54 -1.81 26.38
N ASP A 200 -11.96 -0.61 26.78
CA ASP A 200 -13.37 -0.21 26.71
C ASP A 200 -13.61 0.50 25.39
N TRP A 201 -13.59 -0.30 24.33
CA TRP A 201 -13.77 0.20 22.97
C TRP A 201 -15.05 0.94 22.78
N ASP A 202 -16.12 0.50 23.47
CA ASP A 202 -17.39 1.18 23.32
C ASP A 202 -17.34 2.58 23.91
N ALA A 203 -16.69 2.74 25.06
CA ALA A 203 -16.54 4.09 25.63
C ALA A 203 -15.68 4.97 24.75
N PHE A 204 -14.65 4.38 24.13
CA PHE A 204 -13.81 5.15 23.23
C PHE A 204 -14.67 5.61 22.07
N TYR A 205 -15.51 4.71 21.58
CA TYR A 205 -16.40 5.07 20.46
C TYR A 205 -17.40 6.15 20.82
N GLN A 206 -17.96 6.07 22.03
CA GLN A 206 -18.90 7.11 22.46
C GLN A 206 -18.24 8.47 22.55
N THR A 207 -16.96 8.51 22.95
CA THR A 207 -16.22 9.75 23.00
C THR A 207 -16.08 10.35 21.63
N ILE A 208 -15.68 9.50 20.68
CA ILE A 208 -15.49 9.94 19.31
C ILE A 208 -16.79 10.52 18.75
N GLN A 209 -17.86 9.77 18.92
CA GLN A 209 -19.17 10.19 18.40
C GLN A 209 -19.68 11.52 18.98
N ARG A 210 -19.36 11.74 20.25
CA ARG A 210 -19.84 12.95 20.93
C ARG A 210 -19.07 14.15 20.49
N LEU A 211 -17.73 14.02 20.44
CA LEU A 211 -16.86 15.11 20.07
C LEU A 211 -16.67 15.35 18.61
N GLN A 212 -16.85 14.30 17.82
CA GLN A 212 -16.48 14.33 16.40
C GLN A 212 -17.46 13.54 15.56
N PRO A 213 -18.63 14.13 15.34
CA PRO A 213 -19.68 13.43 14.61
C PRO A 213 -19.32 12.98 13.21
N LYS A 214 -18.32 13.57 12.58
CA LYS A 214 -17.92 13.20 11.24
C LYS A 214 -16.90 12.08 11.19
N ALA A 215 -16.27 11.76 12.33
CA ALA A 215 -15.09 10.84 12.37
C ALA A 215 -15.52 9.42 12.15
N VAL A 216 -14.63 8.66 11.52
CA VAL A 216 -14.71 7.21 11.54
C VAL A 216 -13.65 6.60 12.50
N MSE A 217 -14.03 5.54 13.19
CA MSE A 217 -13.15 4.78 14.07
C MSE A 217 -12.61 3.60 13.31
O MSE A 217 -13.34 2.74 12.85
CB MSE A 217 -13.92 4.33 15.32
CG MSE A 217 -13.03 3.68 16.38
SE MSE A 217 -14.15 3.37 17.90
CE MSE A 217 -13.27 2.02 18.95
N ALA A 218 -11.29 3.59 13.10
CA ALA A 218 -10.61 2.66 12.21
C ALA A 218 -9.74 1.61 12.90
N ILE A 219 -9.73 0.41 12.29
CA ILE A 219 -8.85 -0.72 12.57
C ILE A 219 -9.46 -1.46 13.75
N MSE A 220 -9.14 -1.05 14.98
CA MSE A 220 -9.90 -1.53 16.17
C MSE A 220 -11.05 -0.54 16.27
O MSE A 220 -11.05 0.43 17.04
CB MSE A 220 -9.05 -1.58 17.43
CG MSE A 220 -7.92 -2.52 17.41
SE MSE A 220 -8.43 -4.35 16.99
CE MSE A 220 -9.50 -4.67 18.50
N GLY A 221 -11.99 -0.75 15.36
CA GLY A 221 -13.13 0.14 15.14
C GLY A 221 -14.11 -0.64 14.26
N ASP A 222 -15.36 -0.19 14.17
CA ASP A 222 -16.29 -0.83 13.24
C ASP A 222 -16.61 0.03 12.03
N ASP A 223 -15.90 1.16 11.84
CA ASP A 223 -16.12 1.99 10.65
C ASP A 223 -15.21 1.61 9.48
N VAL A 224 -13.95 1.29 9.77
CA VAL A 224 -12.93 1.08 8.73
C VAL A 224 -12.09 -0.15 9.11
N ARG A 225 -11.91 -1.04 8.13
CA ARG A 225 -11.28 -2.34 8.32
C ARG A 225 -9.86 -2.27 7.74
N TRP A 226 -8.91 -2.80 8.50
CA TRP A 226 -7.58 -2.99 7.97
C TRP A 226 -7.60 -4.01 6.84
N VAL A 227 -6.93 -3.73 5.73
CA VAL A 227 -6.96 -4.62 4.59
C VAL A 227 -6.35 -5.98 4.96
N GLY A 228 -5.42 -6.05 5.94
CA GLY A 228 -4.87 -7.35 6.38
C GLY A 228 -3.42 -7.53 6.06
N ASN A 229 -2.80 -6.58 5.43
CA ASN A 229 -1.33 -6.54 5.18
C ASN A 229 -0.82 -5.10 5.16
N GLU A 230 0.51 -4.93 5.19
CA GLU A 230 1.16 -3.56 5.22
C GLU A 230 1.97 -3.36 3.95
N LYS A 231 1.72 -4.17 2.92
CA LYS A 231 2.52 -4.11 1.72
C LYS A 231 1.89 -3.27 0.59
N GLY A 232 0.67 -2.78 0.79
CA GLY A 232 0.00 -1.94 -0.23
C GLY A 232 -0.80 -2.70 -1.26
N VAL A 233 -1.25 -3.90 -0.88
CA VAL A 233 -1.94 -4.79 -1.84
C VAL A 233 -3.34 -5.11 -1.36
N GLY A 234 -4.35 -4.64 -2.07
CA GLY A 234 -5.72 -5.01 -1.74
C GLY A 234 -6.12 -6.30 -2.39
N ARG A 235 -7.42 -6.52 -2.49
CA ARG A 235 -7.97 -7.73 -3.07
C ARG A 235 -8.68 -7.39 -4.36
N GLU A 236 -8.44 -8.23 -5.38
CA GLU A 236 -9.27 -8.15 -6.59
C GLU A 236 -10.76 -8.34 -6.31
N THR A 237 -11.11 -9.23 -5.39
CA THR A 237 -12.50 -9.41 -5.00
C THR A 237 -12.59 -8.85 -3.58
N GLU A 238 -13.12 -7.62 -3.48
CA GLU A 238 -13.16 -6.90 -2.20
C GLU A 238 -14.61 -6.60 -1.81
N TRP A 239 -15.13 -7.40 -0.88
CA TRP A 239 -16.47 -7.25 -0.29
C TRP A 239 -16.38 -6.34 0.93
N ASN A 240 -16.94 -5.14 0.80
CA ASN A 240 -17.06 -4.25 1.95
C ASN A 240 -18.32 -4.47 2.73
N ALA A 241 -19.26 -5.19 2.15
CA ALA A 241 -20.34 -5.82 2.87
C ALA A 241 -19.75 -7.21 3.26
N THR A 242 -19.28 -7.33 4.50
CA THR A 242 -18.40 -8.41 4.89
C THR A 242 -18.91 -9.16 6.11
N VAL A 243 -18.58 -10.44 6.15
CA VAL A 243 -18.87 -11.28 7.32
C VAL A 243 -17.85 -11.07 8.45
N LEU A 244 -16.72 -10.39 8.17
CA LEU A 244 -15.71 -10.18 9.20
C LEU A 244 -16.23 -9.27 10.31
N THR A 245 -16.19 -9.76 11.56
CA THR A 245 -16.76 -9.04 12.67
C THR A 245 -15.67 -8.08 13.16
N PRO A 246 -16.00 -6.79 13.26
CA PRO A 246 -15.06 -5.84 13.88
C PRO A 246 -14.50 -6.33 15.18
N GLY A 247 -13.18 -6.19 15.33
CA GLY A 247 -12.46 -6.73 16.48
C GLY A 247 -12.88 -6.14 17.81
N ILE A 248 -13.50 -4.97 17.79
CA ILE A 248 -13.91 -4.31 19.01
C ILE A 248 -15.12 -4.95 19.68
N TYR A 249 -15.81 -5.85 18.98
CA TYR A 249 -17.00 -6.46 19.52
C TYR A 249 -16.56 -7.69 20.29
N ALA A 250 -17.18 -7.91 21.45
CA ALA A 250 -16.77 -9.03 22.29
C ALA A 250 -16.93 -10.37 21.54
N ARG A 251 -17.97 -10.50 20.74
CA ARG A 251 -18.20 -11.74 19.95
C ARG A 251 -17.24 -11.99 18.76
N SER A 252 -16.44 -11.01 18.40
CA SER A 252 -15.62 -11.14 17.22
C SER A 252 -14.69 -12.33 17.20
N GLN A 253 -13.95 -12.59 18.27
CA GLN A 253 -12.94 -13.66 18.16
C GLN A 253 -13.60 -15.02 17.89
N GLU A 254 -14.68 -15.34 18.61
CA GLU A 254 -15.38 -16.62 18.42
CA GLU A 254 -15.34 -16.62 18.42
C GLU A 254 -16.05 -16.68 17.06
N ASN A 255 -16.76 -15.63 16.68
CA ASN A 255 -17.48 -15.60 15.39
C ASN A 255 -16.56 -15.64 14.19
N ASN A 256 -15.49 -14.87 14.25
CA ASN A 256 -14.50 -14.99 13.19
C ASN A 256 -13.86 -16.35 13.09
N LYS A 257 -13.57 -16.99 14.24
CA LYS A 257 -12.99 -18.33 14.18
C LYS A 257 -13.98 -19.33 13.60
N ARG A 258 -15.25 -19.23 14.01
CA ARG A 258 -16.28 -20.12 13.47
C ARG A 258 -16.42 -19.98 11.97
N LEU A 259 -16.30 -18.77 11.43
CA LEU A 259 -16.42 -18.59 9.97
C LEU A 259 -15.13 -18.78 9.22
N GLY A 260 -13.99 -18.91 9.91
CA GLY A 260 -12.69 -19.05 9.26
C GLY A 260 -12.23 -17.74 8.60
N VAL A 261 -12.51 -16.59 9.23
CA VAL A 261 -12.15 -15.32 8.67
C VAL A 261 -11.27 -14.55 9.67
N PHE A 262 -10.45 -13.67 9.09
CA PHE A 262 -9.51 -12.87 9.86
C PHE A 262 -9.07 -11.81 8.88
N SER A 263 -8.42 -10.77 9.37
CA SER A 263 -8.13 -9.63 8.52
C SER A 263 -7.43 -9.92 7.19
N LYS A 264 -6.44 -10.82 7.20
CA LYS A 264 -5.68 -11.16 6.05
C LYS A 264 -6.37 -12.23 5.13
N ALA A 265 -7.52 -12.76 5.53
CA ALA A 265 -8.13 -13.87 4.77
C ALA A 265 -8.53 -13.44 3.38
N GLU A 266 -8.57 -14.43 2.52
CA GLU A 266 -8.90 -14.20 1.12
C GLU A 266 -10.34 -13.85 0.86
N ASP A 267 -11.25 -14.59 1.47
CA ASP A 267 -12.69 -14.40 1.24
C ASP A 267 -13.37 -13.92 2.49
N LEU A 268 -13.88 -12.69 2.42
CA LEU A 268 -14.55 -12.06 3.49
C LEU A 268 -16.01 -11.72 3.17
N GLY A 269 -16.56 -12.24 2.07
CA GLY A 269 -17.97 -11.94 1.75
C GLY A 269 -18.65 -12.61 0.59
N SER A 270 -18.07 -13.68 0.03
CA SER A 270 -18.75 -14.38 -1.08
C SER A 270 -20.05 -15.01 -0.59
N ARG A 271 -20.92 -15.40 -1.53
CA ARG A 271 -22.15 -16.07 -1.11
C ARG A 271 -21.89 -17.37 -0.36
N LYS A 272 -20.82 -18.06 -0.74
CA LYS A 272 -20.43 -19.27 -0.03
C LYS A 272 -20.24 -19.00 1.44
N ILE A 273 -19.48 -17.96 1.78
CA ILE A 273 -19.23 -17.71 3.18
C ILE A 273 -20.44 -17.11 3.93
N LEU A 274 -21.37 -16.46 3.21
CA LEU A 274 -22.65 -16.06 3.83
C LEU A 274 -23.41 -17.18 4.48
N GLU A 275 -23.19 -18.40 3.98
CA GLU A 275 -23.91 -19.60 4.47
C GLU A 275 -23.90 -19.76 5.97
N LYS A 276 -22.74 -19.64 6.61
CA LYS A 276 -22.73 -19.76 8.06
C LYS A 276 -22.76 -18.43 8.78
N ALA A 277 -22.84 -17.31 8.06
CA ALA A 277 -22.90 -16.02 8.72
C ALA A 277 -24.28 -15.74 9.28
N THR A 278 -24.35 -15.08 10.43
CA THR A 278 -25.67 -14.66 10.97
C THR A 278 -25.84 -13.14 10.93
N GLU A 279 -24.80 -12.41 10.46
CA GLU A 279 -24.89 -10.98 10.36
C GLU A 279 -23.85 -10.48 9.38
N LEU A 280 -23.99 -9.22 8.99
CA LEU A 280 -23.14 -8.66 7.98
C LEU A 280 -22.90 -7.21 8.30
N PHE A 281 -21.69 -6.77 7.95
CA PHE A 281 -21.21 -5.46 8.35
C PHE A 281 -20.78 -4.65 7.15
N TRP A 282 -21.11 -3.34 7.10
CA TRP A 282 -20.44 -2.46 6.13
C TRP A 282 -19.15 -2.03 6.82
N TYR A 283 -18.03 -2.54 6.32
CA TYR A 283 -16.74 -2.45 7.06
C TYR A 283 -15.70 -2.45 5.99
N PRO A 284 -15.41 -1.28 5.43
CA PRO A 284 -14.65 -1.20 4.21
C PRO A 284 -13.15 -1.11 4.43
N SER A 285 -12.45 -1.65 3.46
CA SER A 285 -11.00 -1.85 3.50
CA SER A 285 -11.00 -1.84 3.61
C SER A 285 -10.17 -0.60 3.33
N GLU A 286 -9.14 -0.45 4.17
CA GLU A 286 -8.16 0.57 4.04
C GLU A 286 -6.80 -0.09 3.89
N VAL A 287 -6.11 0.27 2.82
CA VAL A 287 -4.77 -0.23 2.51
C VAL A 287 -3.74 0.76 3.05
N ASP A 288 -2.94 0.34 4.04
CA ASP A 288 -1.93 1.18 4.63
C ASP A 288 -0.55 0.70 4.18
N VAL A 289 0.31 1.61 3.76
CA VAL A 289 1.63 1.22 3.32
C VAL A 289 2.54 2.37 3.45
N SER A 290 3.82 2.12 3.63
CA SER A 290 4.78 3.21 3.69
C SER A 290 5.49 3.46 2.37
N ILE A 291 5.82 4.71 2.13
CA ILE A 291 6.69 5.11 0.99
C ILE A 291 8.09 4.58 1.09
N ARG A 292 8.48 4.18 2.30
CA ARG A 292 9.81 3.61 2.59
C ARG A 292 9.64 2.22 3.14
N PRO A 293 10.73 1.48 3.36
CA PRO A 293 10.53 0.14 3.95
C PRO A 293 9.94 0.19 5.38
N GLY A 294 10.42 1.12 6.20
CA GLY A 294 9.91 1.31 7.54
C GLY A 294 8.83 2.42 7.57
N TRP A 295 8.07 2.47 8.65
CA TRP A 295 7.11 3.52 8.91
C TRP A 295 7.73 4.79 9.39
N PHE A 296 8.70 4.70 10.30
CA PHE A 296 9.37 5.88 10.78
C PHE A 296 10.53 6.22 9.87
N TYR A 297 10.98 7.46 9.98
CA TYR A 297 12.07 7.95 9.14
C TYR A 297 13.41 7.29 9.53
N HIS A 298 14.11 6.74 8.54
CA HIS A 298 15.49 6.28 8.73
C HIS A 298 16.30 6.85 7.61
N ALA A 299 17.38 7.54 7.93
CA ALA A 299 18.27 8.05 6.87
C ALA A 299 18.84 6.95 5.96
N GLU A 300 19.00 5.75 6.54
CA GLU A 300 19.44 4.55 5.85
C GLU A 300 18.51 4.14 4.70
N GLU A 301 17.25 4.63 4.77
CA GLU A 301 16.27 4.36 3.75
C GLU A 301 16.03 5.51 2.77
N ASP A 302 16.84 6.55 2.80
CA ASP A 302 16.68 7.66 1.84
C ASP A 302 16.79 7.19 0.37
N GLY A 303 17.62 6.19 0.11
CA GLY A 303 17.77 5.61 -1.23
C GLY A 303 16.82 4.46 -1.49
N LYS A 304 15.83 4.26 -0.61
CA LYS A 304 14.91 3.14 -0.73
C LYS A 304 13.46 3.60 -0.74
N VAL A 305 13.24 4.86 -1.10
CA VAL A 305 11.89 5.34 -1.32
C VAL A 305 11.33 4.52 -2.51
N LYS A 306 10.10 4.07 -2.38
CA LYS A 306 9.51 3.19 -3.38
C LYS A 306 9.46 3.87 -4.73
N SER A 307 9.65 3.07 -5.78
CA SER A 307 9.71 3.61 -7.14
C SER A 307 8.39 4.14 -7.60
N LEU A 308 8.41 4.98 -8.63
CA LEU A 308 7.15 5.44 -9.21
C LEU A 308 6.28 4.31 -9.69
N LYS A 309 6.90 3.35 -10.38
CA LYS A 309 6.13 2.16 -10.80
C LYS A 309 5.48 1.42 -9.64
N HIS A 310 6.22 1.24 -8.56
CA HIS A 310 5.65 0.53 -7.41
C HIS A 310 4.51 1.31 -6.80
N LEU A 311 4.66 2.63 -6.65
CA LEU A 311 3.57 3.44 -6.09
C LEU A 311 2.34 3.42 -7.00
N SER A 312 2.56 3.49 -8.31
CA SER A 312 1.47 3.35 -9.25
C SER A 312 0.77 2.01 -9.14
N ASP A 313 1.55 0.95 -9.03
CA ASP A 313 0.98 -0.39 -8.86
C ASP A 313 0.20 -0.47 -7.58
N ILE A 314 0.75 0.08 -6.50
CA ILE A 314 -0.02 0.15 -5.25
C ILE A 314 -1.33 0.88 -5.45
N TYR A 315 -1.34 2.04 -6.08
CA TYR A 315 -2.55 2.79 -6.34
C TYR A 315 -3.60 1.95 -7.06
N PHE A 316 -3.18 1.29 -8.12
CA PHE A 316 -4.11 0.42 -8.86
C PHE A 316 -4.60 -0.78 -8.09
N GLN A 317 -3.82 -1.25 -7.12
CA GLN A 317 -4.21 -2.34 -6.29
C GLN A 317 -4.81 -1.94 -4.94
N SER A 318 -5.11 -0.66 -4.80
CA SER A 318 -5.78 -0.13 -3.63
C SER A 318 -6.98 0.66 -4.06
N VAL A 319 -6.82 1.91 -4.46
CA VAL A 319 -7.89 2.72 -4.97
C VAL A 319 -8.59 1.98 -6.12
N GLY A 320 -7.79 1.32 -6.97
CA GLY A 320 -8.35 0.54 -8.04
C GLY A 320 -8.95 -0.80 -7.68
N TYR A 321 -8.84 -1.22 -6.41
CA TYR A 321 -9.36 -2.45 -5.88
C TYR A 321 -10.35 -2.15 -4.75
N ASN A 322 -11.07 -1.04 -4.81
CA ASN A 322 -12.15 -0.77 -3.87
C ASN A 322 -11.65 -0.62 -2.42
N SER A 323 -10.47 -0.06 -2.26
CA SER A 323 -9.91 0.32 -0.95
C SER A 323 -9.56 1.80 -0.99
N VAL A 324 -9.47 2.38 0.19
CA VAL A 324 -8.78 3.66 0.35
C VAL A 324 -7.29 3.39 0.50
N LEU A 325 -6.44 4.23 -0.08
CA LEU A 325 -5.01 4.11 0.09
C LEU A 325 -4.51 5.15 1.13
N LEU A 326 -3.91 4.62 2.20
CA LEU A 326 -3.33 5.43 3.25
C LEU A 326 -1.83 5.23 3.18
N LEU A 327 -1.15 6.19 2.57
CA LEU A 327 0.30 6.11 2.28
C LEU A 327 1.07 6.90 3.31
N ASN A 328 2.04 6.27 3.95
CA ASN A 328 2.82 6.91 4.98
C ASN A 328 4.05 7.58 4.43
N ILE A 329 4.27 8.81 4.89
CA ILE A 329 5.49 9.55 4.54
C ILE A 329 6.02 10.10 5.85
N PRO A 330 7.19 9.63 6.27
CA PRO A 330 7.63 9.99 7.64
C PRO A 330 8.49 11.22 7.69
N PRO A 331 8.13 12.24 8.48
CA PRO A 331 9.04 13.37 8.67
C PRO A 331 10.33 12.94 9.36
N ASP A 332 11.42 13.61 9.03
CA ASP A 332 12.73 13.26 9.51
C ASP A 332 13.14 13.98 10.81
N ARG A 333 14.44 13.90 11.16
CA ARG A 333 14.91 14.50 12.43
C ARG A 333 15.00 16.03 12.38
N ARG A 334 14.88 16.61 11.18
CA ARG A 334 14.66 18.06 11.05
C ARG A 334 13.22 18.43 11.35
N GLY A 335 12.33 17.42 11.38
CA GLY A 335 10.90 17.70 11.32
C GLY A 335 10.37 18.16 9.97
N LEU A 336 10.92 17.58 8.90
CA LEU A 336 10.56 17.91 7.52
C LEU A 336 10.35 16.61 6.75
N ILE A 337 9.48 16.66 5.75
CA ILE A 337 9.44 15.58 4.75
C ILE A 337 10.72 15.70 3.93
N HIS A 338 11.41 14.61 3.78
CA HIS A 338 12.73 14.56 3.11
C HIS A 338 12.61 14.80 1.60
N GLU A 339 13.64 15.38 1.04
CA GLU A 339 13.68 15.77 -0.36
C GLU A 339 13.35 14.66 -1.33
N ALA A 340 13.89 13.47 -1.04
CA ALA A 340 13.66 12.30 -1.89
C ALA A 340 12.15 11.97 -1.94
N ASP A 341 11.52 11.94 -0.79
CA ASP A 341 10.04 11.69 -0.67
C ASP A 341 9.27 12.77 -1.42
N ILE A 342 9.67 14.03 -1.29
CA ILE A 342 9.00 15.13 -1.99
C ILE A 342 9.02 14.90 -3.50
N LYS A 343 10.20 14.60 -4.01
CA LYS A 343 10.34 14.43 -5.44
C LYS A 343 9.49 13.27 -5.93
N ARG A 344 9.52 12.16 -5.19
CA ARG A 344 8.77 11.00 -5.59
C ARG A 344 7.22 11.22 -5.48
N LEU A 345 6.78 11.96 -4.49
CA LEU A 345 5.37 12.31 -4.37
C LEU A 345 4.89 13.18 -5.51
N LYS A 346 5.76 14.13 -5.93
CA LYS A 346 5.45 14.97 -7.09
C LYS A 346 5.35 14.13 -8.36
N GLU A 347 6.30 13.23 -8.53
CA GLU A 347 6.27 12.30 -9.68
C GLU A 347 4.99 11.47 -9.71
N PHE A 348 4.57 11.00 -8.53
CA PHE A 348 3.39 10.16 -8.40
C PHE A 348 2.16 10.99 -8.72
N ALA A 349 2.10 12.20 -8.16
CA ALA A 349 0.97 13.08 -8.41
C ALA A 349 0.91 13.46 -9.90
N ASP A 350 2.04 13.75 -10.52
CA ASP A 350 2.05 14.13 -11.93
C ASP A 350 1.59 12.93 -12.78
N TYR A 351 2.00 11.72 -12.42
CA TYR A 351 1.58 10.52 -13.16
C TYR A 351 0.06 10.31 -13.08
N ARG A 352 -0.49 10.39 -11.90
CA ARG A 352 -1.96 10.27 -11.74
C ARG A 352 -2.67 11.38 -12.51
N GLN A 353 -2.18 12.61 -12.40
CA GLN A 353 -2.84 13.71 -13.09
C GLN A 353 -2.87 13.46 -14.61
N GLN A 354 -1.74 13.07 -15.18
CA GLN A 354 -1.61 12.81 -16.61
C GLN A 354 -2.53 11.65 -17.02
N THR A 355 -2.54 10.60 -16.18
CA THR A 355 -3.27 9.43 -16.47
C THR A 355 -4.80 9.71 -16.50
N PHE A 356 -5.27 10.51 -15.54
CA PHE A 356 -6.71 10.75 -15.42
C PHE A 356 -7.17 12.07 -16.07
N ALA A 357 -6.29 12.74 -16.79
CA ALA A 357 -6.67 14.05 -17.41
C ALA A 357 -7.78 13.94 -18.42
N ASP A 358 -7.77 12.88 -19.23
CA ASP A 358 -8.63 12.78 -20.38
C ASP A 358 -9.46 11.49 -20.41
N ASN A 359 -10.63 11.54 -19.79
CA ASN A 359 -11.56 10.45 -19.82
C ASN A 359 -12.12 10.30 -21.23
N ARG A 360 -11.96 9.14 -21.81
CA ARG A 360 -12.33 8.90 -23.19
C ARG A 360 -13.78 8.47 -23.39
N VAL A 361 -14.46 8.12 -22.30
CA VAL A 361 -15.86 7.70 -22.36
C VAL A 361 -16.70 9.00 -22.43
N LYS A 362 -17.63 9.01 -23.38
CA LYS A 362 -18.65 10.01 -23.44
C LYS A 362 -19.84 9.39 -22.69
N ASN A 363 -20.51 10.19 -21.94
CA ASN A 363 -21.78 9.78 -21.34
C ASN A 363 -21.63 8.58 -20.43
N GLY A 364 -20.50 8.54 -19.74
CA GLY A 364 -20.16 7.46 -18.81
C GLY A 364 -20.90 7.49 -17.46
N ARG A 365 -21.64 8.57 -17.17
CA ARG A 365 -22.48 8.64 -15.99
CA ARG A 365 -22.44 8.62 -15.97
C ARG A 365 -23.93 8.36 -16.18
N LYS A 366 -24.27 7.72 -17.29
CA LYS A 366 -25.57 7.22 -17.50
C LYS A 366 -25.77 6.14 -16.50
N TYR A 367 -26.66 6.37 -15.53
CA TYR A 367 -26.87 5.41 -14.46
C TYR A 367 -27.50 4.16 -15.08
N TRP A 368 -26.97 3.00 -14.72
CA TRP A 368 -27.33 1.74 -15.37
C TRP A 368 -27.80 0.74 -14.35
N SER A 369 -29.08 0.36 -14.45
CA SER A 369 -29.64 -0.64 -13.59
C SER A 369 -29.75 -1.96 -14.35
N THR A 370 -29.21 -3.04 -13.82
CA THR A 370 -29.21 -4.30 -14.55
C THR A 370 -29.20 -5.51 -13.68
N THR A 371 -29.68 -6.62 -14.22
CA THR A 371 -29.50 -7.90 -13.58
C THR A 371 -28.50 -8.71 -14.36
N SER A 372 -28.26 -9.93 -13.90
CA SER A 372 -27.20 -10.75 -14.45
C SER A 372 -27.41 -10.97 -15.94
N GLY A 373 -26.32 -10.84 -16.71
CA GLY A 373 -26.35 -10.96 -18.16
C GLY A 373 -26.53 -9.63 -18.90
N GLY A 374 -26.83 -8.56 -18.17
CA GLY A 374 -27.07 -7.30 -18.83
C GLY A 374 -25.83 -6.64 -19.34
N GLU A 375 -26.00 -5.82 -20.38
CA GLU A 375 -24.89 -5.18 -21.09
C GLU A 375 -25.24 -3.72 -21.29
N ALA A 376 -24.22 -2.87 -21.32
CA ALA A 376 -24.36 -1.47 -21.63
C ALA A 376 -23.17 -1.10 -22.50
N VAL A 377 -23.44 -0.29 -23.53
CA VAL A 377 -22.42 0.19 -24.43
C VAL A 377 -22.18 1.68 -24.19
N TYR A 378 -20.94 2.10 -24.24
CA TYR A 378 -20.50 3.46 -24.09
C TYR A 378 -19.67 3.88 -25.29
N ALA A 379 -20.02 5.01 -25.89
CA ALA A 379 -19.21 5.59 -26.97
C ALA A 379 -17.95 6.19 -26.34
N LEU A 380 -16.87 6.04 -27.08
CA LEU A 380 -15.63 6.75 -26.81
C LEU A 380 -15.46 7.98 -27.67
N LYS A 381 -14.66 8.93 -27.19
CA LYS A 381 -14.21 10.09 -27.98
C LYS A 381 -13.47 9.61 -29.24
N SER A 382 -13.55 10.44 -30.28
CA SER A 382 -12.81 10.21 -31.50
C SER A 382 -11.32 9.92 -31.28
N LYS A 383 -10.86 8.84 -31.94
CA LYS A 383 -9.45 8.42 -32.01
C LYS A 383 -8.91 8.04 -30.63
N SER A 384 -9.72 7.30 -29.88
CA SER A 384 -9.34 6.89 -28.51
C SER A 384 -8.46 5.66 -28.56
N GLU A 385 -7.39 5.67 -27.77
CA GLU A 385 -6.55 4.52 -27.44
C GLU A 385 -6.60 4.43 -25.92
N ILE A 386 -6.94 3.26 -25.40
CA ILE A 386 -7.14 3.08 -24.00
C ILE A 386 -6.44 1.84 -23.51
N ASN A 387 -6.05 1.87 -22.24
CA ASN A 387 -5.51 0.71 -21.55
C ASN A 387 -5.90 0.60 -20.08
N LEU A 388 -6.94 1.37 -19.70
CA LEU A 388 -7.42 1.49 -18.35
C LEU A 388 -8.88 1.80 -18.38
N VAL A 389 -9.64 0.99 -17.67
CA VAL A 389 -11.09 1.21 -17.48
C VAL A 389 -11.36 1.30 -16.00
N MSE A 390 -12.25 2.21 -15.66
CA MSE A 390 -12.70 2.42 -14.30
CA MSE A 390 -12.71 2.44 -14.29
C MSE A 390 -14.22 2.26 -14.22
O MSE A 390 -14.94 2.78 -15.09
CB MSE A 390 -12.28 3.83 -13.85
CB MSE A 390 -12.36 3.86 -13.85
CG MSE A 390 -12.61 4.11 -12.42
CG MSE A 390 -12.79 4.18 -12.42
SE MSE A 390 -14.08 5.24 -12.30
SE MSE A 390 -12.55 6.08 -12.09
CE MSE A 390 -13.31 6.87 -12.53
CE MSE A 390 -14.28 6.67 -12.59
N LEU A 391 -14.67 1.54 -13.21
CA LEU A 391 -16.07 1.31 -12.98
CA LEU A 391 -16.09 1.31 -12.98
C LEU A 391 -16.43 1.69 -11.54
N GLN A 392 -17.69 2.18 -11.37
CA GLN A 392 -18.21 2.39 -10.02
C GLN A 392 -19.64 1.88 -9.90
N GLU A 393 -19.99 1.38 -8.72
CA GLU A 393 -21.36 1.08 -8.36
C GLU A 393 -21.90 2.17 -7.45
N ASP A 394 -23.22 2.30 -7.44
CA ASP A 394 -23.84 3.17 -6.48
C ASP A 394 -23.97 2.51 -5.13
N ILE A 395 -22.93 2.64 -4.32
CA ILE A 395 -22.86 1.91 -3.06
C ILE A 395 -23.81 2.49 -2.01
N THR A 396 -24.46 3.61 -2.30
CA THR A 396 -25.57 4.09 -1.44
C THR A 396 -26.73 3.16 -1.41
N LYS A 397 -26.77 2.19 -2.35
CA LYS A 397 -27.78 1.20 -2.41
C LYS A 397 -27.23 -0.19 -2.21
N GLY A 398 -25.96 -0.31 -1.85
CA GLY A 398 -25.36 -1.59 -1.53
C GLY A 398 -24.27 -1.99 -2.50
N GLN A 399 -23.58 -3.08 -2.15
CA GLN A 399 -22.56 -3.65 -3.02
C GLN A 399 -23.11 -4.91 -3.64
N ARG A 400 -23.20 -4.97 -4.98
CA ARG A 400 -23.99 -6.04 -5.62
C ARG A 400 -23.28 -6.80 -6.72
N VAL A 401 -22.37 -6.18 -7.44
CA VAL A 401 -21.72 -6.82 -8.57
C VAL A 401 -20.78 -7.93 -8.09
N GLU A 402 -20.98 -9.10 -8.72
CA GLU A 402 -20.19 -10.28 -8.40
C GLU A 402 -19.26 -10.77 -9.52
N ALA A 403 -19.60 -10.51 -10.77
CA ALA A 403 -18.72 -10.81 -11.92
C ALA A 403 -19.08 -9.94 -13.10
N PHE A 404 -18.07 -9.49 -13.83
CA PHE A 404 -18.33 -8.62 -14.96
C PHE A 404 -17.22 -8.80 -15.98
N THR A 405 -17.52 -8.39 -17.21
CA THR A 405 -16.65 -8.41 -18.35
C THR A 405 -16.68 -7.07 -19.05
N VAL A 406 -15.54 -6.63 -19.59
CA VAL A 406 -15.41 -5.42 -20.36
C VAL A 406 -14.79 -5.74 -21.72
N GLU A 407 -15.44 -5.19 -22.77
CA GLU A 407 -15.02 -5.35 -24.14
C GLU A 407 -14.90 -3.99 -24.80
N ALA A 408 -13.97 -3.90 -25.75
CA ALA A 408 -13.70 -2.68 -26.52
C ALA A 408 -13.90 -2.98 -27.98
N LEU A 409 -14.64 -2.09 -28.63
CA LEU A 409 -14.91 -2.25 -30.04
C LEU A 409 -13.79 -1.71 -30.91
N THR A 410 -13.04 -2.62 -31.51
CA THR A 410 -11.94 -2.26 -32.46
C THR A 410 -12.50 -2.16 -33.88
N ASP A 411 -11.63 -1.82 -34.84
CA ASP A 411 -11.88 -1.85 -36.28
CA ASP A 411 -12.03 -1.82 -36.24
C ASP A 411 -12.24 -3.25 -36.76
N ASN A 412 -11.82 -4.24 -35.97
CA ASN A 412 -12.04 -5.65 -36.38
C ASN A 412 -12.89 -6.43 -35.35
N GLY A 413 -13.81 -5.72 -34.71
CA GLY A 413 -14.79 -6.24 -33.76
C GLY A 413 -14.48 -6.07 -32.28
N TRP A 414 -15.42 -6.59 -31.48
CA TRP A 414 -15.23 -6.59 -30.03
C TRP A 414 -14.01 -7.41 -29.58
N LYS A 415 -13.24 -6.82 -28.68
CA LYS A 415 -12.13 -7.51 -28.01
C LYS A 415 -12.35 -7.49 -26.51
N GLU A 416 -12.19 -8.62 -25.86
CA GLU A 416 -12.26 -8.64 -24.39
C GLU A 416 -11.02 -7.94 -23.81
N VAL A 417 -11.24 -6.95 -22.97
CA VAL A 417 -10.15 -6.22 -22.35
C VAL A 417 -10.06 -6.48 -20.87
N GLY A 418 -11.11 -6.98 -20.21
CA GLY A 418 -10.94 -7.37 -18.82
C GLY A 418 -12.11 -8.07 -18.24
N LYS A 419 -11.85 -8.71 -17.10
CA LYS A 419 -12.87 -9.38 -16.37
C LYS A 419 -12.59 -9.09 -14.91
N GLY A 420 -13.64 -8.98 -14.12
CA GLY A 420 -13.52 -8.75 -12.69
C GLY A 420 -14.67 -9.41 -11.96
N THR A 421 -14.62 -9.23 -10.64
CA THR A 421 -15.58 -9.81 -9.75
C THR A 421 -16.42 -8.67 -9.15
N THR A 422 -16.02 -8.17 -8.00
CA THR A 422 -16.63 -7.01 -7.39
C THR A 422 -16.27 -5.73 -8.13
N ILE A 423 -17.12 -4.71 -7.97
CA ILE A 423 -16.80 -3.36 -8.34
C ILE A 423 -16.75 -2.51 -7.08
N GLY A 424 -17.89 -2.31 -6.42
CA GLY A 424 -17.89 -1.52 -5.20
C GLY A 424 -17.81 -0.04 -5.49
N TYR A 425 -17.09 0.66 -4.61
CA TYR A 425 -16.89 2.06 -4.83
C TYR A 425 -16.15 2.39 -6.11
N LYS A 426 -15.12 1.63 -6.41
CA LYS A 426 -14.28 1.86 -7.58
C LYS A 426 -13.47 0.63 -7.86
N ARG A 427 -13.42 0.25 -9.12
CA ARG A 427 -12.60 -0.86 -9.59
C ARG A 427 -11.98 -0.42 -10.91
N MSE A 428 -10.67 -0.61 -11.02
CA MSE A 428 -9.95 -0.29 -12.24
CA MSE A 428 -9.89 -0.28 -12.22
C MSE A 428 -9.29 -1.54 -12.82
O MSE A 428 -8.80 -2.40 -12.08
CB MSE A 428 -8.95 0.81 -12.06
CB MSE A 428 -8.73 0.66 -11.90
CG MSE A 428 -9.65 2.06 -11.66
CG MSE A 428 -9.12 1.99 -11.34
SE MSE A 428 -8.66 3.74 -11.59
SE MSE A 428 -7.62 3.09 -10.80
CE MSE A 428 -7.97 3.61 -9.82
CE MSE A 428 -8.65 4.43 -9.89
N LEU A 429 -9.32 -1.60 -14.14
CA LEU A 429 -8.75 -2.71 -14.92
CA LEU A 429 -8.72 -2.71 -14.90
C LEU A 429 -7.76 -2.17 -15.90
N ARG A 430 -6.58 -2.76 -15.94
CA ARG A 430 -5.57 -2.41 -16.87
C ARG A 430 -5.36 -3.56 -17.88
N PHE A 431 -4.94 -3.20 -19.08
CA PHE A 431 -4.82 -4.18 -20.16
C PHE A 431 -3.97 -3.60 -21.27
N PRO A 432 -3.53 -4.42 -22.22
CA PRO A 432 -2.70 -3.84 -23.30
C PRO A 432 -3.51 -2.86 -24.14
N ALA A 433 -2.88 -1.73 -24.49
CA ALA A 433 -3.53 -0.68 -25.21
C ALA A 433 -4.26 -1.17 -26.45
N VAL A 434 -5.46 -0.65 -26.63
CA VAL A 434 -6.23 -0.87 -27.85
CA VAL A 434 -6.26 -0.89 -27.84
C VAL A 434 -6.82 0.41 -28.38
N ASN A 435 -6.95 0.46 -29.69
CA ASN A 435 -7.66 1.53 -30.37
CA ASN A 435 -7.64 1.51 -30.40
C ASN A 435 -9.10 1.08 -30.50
N ALA A 436 -10.03 1.84 -29.93
CA ALA A 436 -11.45 1.47 -29.88
C ALA A 436 -12.37 2.66 -29.98
N ASN A 437 -13.62 2.41 -30.37
CA ASN A 437 -14.63 3.51 -30.49
C ASN A 437 -15.84 3.33 -29.60
N LYS A 438 -15.96 2.17 -28.96
CA LYS A 438 -16.95 1.90 -27.98
C LYS A 438 -16.39 0.95 -26.94
N LEU A 439 -17.03 0.97 -25.77
CA LEU A 439 -16.77 0.02 -24.72
C LEU A 439 -18.05 -0.64 -24.37
N ARG A 440 -18.00 -1.89 -24.02
CA ARG A 440 -19.20 -2.61 -23.57
C ARG A 440 -18.89 -3.24 -22.23
N VAL A 441 -19.82 -3.12 -21.27
CA VAL A 441 -19.68 -3.75 -19.98
C VAL A 441 -20.84 -4.68 -19.82
N ARG A 442 -20.53 -5.89 -19.38
CA ARG A 442 -21.51 -6.91 -19.11
C ARG A 442 -21.47 -7.31 -17.65
N ILE A 443 -22.57 -7.20 -16.95
CA ILE A 443 -22.64 -7.70 -15.57
C ILE A 443 -23.06 -9.14 -15.67
N ASP A 444 -22.10 -10.01 -15.48
CA ASP A 444 -22.31 -11.47 -15.56
C ASP A 444 -23.08 -12.00 -14.37
N GLU A 445 -22.78 -11.51 -13.18
CA GLU A 445 -23.44 -11.95 -11.97
C GLU A 445 -23.61 -10.79 -11.02
N CYS A 446 -24.74 -10.72 -10.35
CA CYS A 446 -24.92 -9.71 -9.30
C CYS A 446 -25.97 -10.12 -8.33
N ARG A 447 -25.96 -9.48 -7.18
CA ARG A 447 -26.99 -9.65 -6.19
C ARG A 447 -28.11 -8.70 -6.48
N LEU A 448 -29.36 -9.21 -6.50
CA LEU A 448 -30.51 -8.37 -6.87
C LEU A 448 -30.21 -7.60 -8.17
N THR A 449 -30.56 -6.31 -8.26
CA THR A 449 -30.25 -5.48 -9.42
C THR A 449 -29.02 -4.63 -9.15
N ALA A 450 -28.01 -4.69 -10.01
CA ALA A 450 -26.81 -3.87 -9.90
C ALA A 450 -27.07 -2.46 -10.40
N TYR A 451 -26.46 -1.50 -9.76
CA TYR A 451 -26.54 -0.08 -10.14
C TYR A 451 -25.12 0.45 -10.45
N VAL A 452 -24.79 0.54 -11.72
CA VAL A 452 -23.51 1.04 -12.16
C VAL A 452 -23.65 2.52 -12.42
N SER A 453 -22.89 3.31 -11.69
CA SER A 453 -23.00 4.77 -11.74
C SER A 453 -22.00 5.46 -12.61
N GLN A 454 -20.88 4.82 -12.86
CA GLN A 454 -19.91 5.39 -13.81
C GLN A 454 -19.06 4.33 -14.46
N VAL A 455 -18.79 4.58 -15.74
CA VAL A 455 -17.74 3.92 -16.46
C VAL A 455 -16.90 4.98 -17.12
N ALA A 456 -15.58 4.83 -17.01
CA ALA A 456 -14.61 5.79 -17.51
C ALA A 456 -13.42 5.00 -18.12
N ALA A 457 -12.66 5.63 -19.00
CA ALA A 457 -11.53 4.96 -19.64
C ALA A 457 -10.46 5.92 -20.00
N TYR A 458 -9.22 5.46 -19.92
CA TYR A 458 -8.05 6.30 -20.03
C TYR A 458 -6.91 5.56 -20.70
N TYR A 459 -5.92 6.33 -21.08
CA TYR A 459 -4.61 5.84 -21.48
C TYR A 459 -3.63 6.22 -20.37
N ALA A 460 -3.10 5.20 -19.68
CA ALA A 460 -2.07 5.36 -18.64
C ALA A 460 -0.72 5.00 -19.28
N GLU A 461 0.22 5.94 -19.29
CA GLU A 461 1.56 5.68 -19.78
CA GLU A 461 1.56 5.65 -19.78
C GLU A 461 2.19 4.46 -19.03
N PRO A 462 2.66 3.42 -19.75
CA PRO A 462 3.28 2.30 -19.04
C PRO A 462 4.58 2.73 -18.40
N LEU A 463 4.84 2.29 -17.19
CA LEU A 463 6.02 2.68 -16.45
C LEU A 463 7.01 1.54 -16.39
N GLN A 464 8.29 1.89 -16.36
CA GLN A 464 9.38 0.94 -16.22
C GLN A 464 9.78 0.82 -14.75
N GLU A 465 10.14 -0.38 -14.32
N GLU A 465 10.12 -0.39 -14.31
CA GLU A 465 10.72 -0.57 -12.99
CA GLU A 465 10.69 -0.60 -12.96
C GLU A 465 12.04 0.18 -12.86
C GLU A 465 12.05 0.07 -12.85
N GLU A 466 12.40 0.48 -11.63
CA GLU A 466 13.66 1.15 -11.36
C GLU A 466 14.77 0.14 -11.52
N THR A 467 15.94 0.58 -12.04
CA THR A 467 17.15 -0.24 -12.05
C THR A 467 17.64 -0.52 -10.62
N THR A 468 17.82 -1.79 -10.27
CA THR A 468 18.44 -2.14 -8.99
C THR A 468 19.87 -1.54 -8.91
N LYS A 469 20.17 -0.86 -7.80
CA LYS A 469 21.49 -0.27 -7.60
CA LYS A 469 21.51 -0.27 -7.59
C LYS A 469 22.39 -1.36 -7.01
N GLU A 470 23.54 -1.60 -7.64
CA GLU A 470 24.43 -2.70 -7.24
C GLU A 470 25.83 -2.16 -7.15
N ASP A 471 26.45 -2.29 -5.99
CA ASP A 471 27.76 -1.72 -5.76
C ASP A 471 28.86 -2.49 -6.50
N TRP A 472 28.53 -3.67 -7.01
CA TRP A 472 29.44 -4.56 -7.76
C TRP A 472 29.31 -4.45 -9.31
N ASN A 473 28.45 -3.55 -9.80
CA ASN A 473 28.34 -3.29 -11.24
C ASN A 473 28.23 -1.80 -11.43
N ASN A 474 29.17 -1.20 -12.15
CA ASN A 474 29.13 0.24 -12.40
C ASN A 474 29.01 0.60 -13.88
N LEU A 475 28.67 -0.39 -14.71
CA LEU A 475 28.39 -0.16 -16.13
C LEU A 475 26.92 -0.55 -16.36
N PRO A 476 26.02 0.45 -16.50
CA PRO A 476 24.58 0.08 -16.54
C PRO A 476 24.31 -0.91 -17.68
N ARG A 477 23.49 -1.91 -17.42
CA ARG A 477 23.23 -2.96 -18.41
C ARG A 477 22.38 -2.48 -19.58
N SER A 478 21.73 -1.31 -19.42
CA SER A 478 21.02 -0.65 -20.53
C SER A 478 21.88 -0.45 -21.80
N GLY A 479 23.19 -0.32 -21.63
CA GLY A 479 24.11 -0.25 -22.74
C GLY A 479 24.59 -1.62 -23.25
N TRP A 480 24.28 -2.72 -22.54
CA TRP A 480 24.77 -4.07 -22.94
C TRP A 480 23.85 -4.69 -23.94
N LYS A 481 24.37 -5.66 -24.69
CA LYS A 481 23.56 -6.53 -25.54
C LYS A 481 24.03 -7.97 -25.39
N GLN A 482 23.10 -8.88 -25.20
CA GLN A 482 23.43 -10.31 -25.14
C GLN A 482 23.71 -10.84 -26.52
N VAL A 483 24.91 -11.36 -26.74
CA VAL A 483 25.28 -12.02 -28.00
C VAL A 483 24.88 -13.50 -28.06
N ALA A 484 24.98 -14.20 -26.94
CA ALA A 484 24.69 -15.64 -26.92
C ALA A 484 24.28 -16.02 -25.51
N ALA A 485 23.35 -16.98 -25.40
CA ALA A 485 22.77 -17.32 -24.09
C ALA A 485 23.65 -18.34 -23.33
N SER A 486 24.35 -19.21 -24.08
CA SER A 486 25.09 -20.31 -23.49
C SER A 486 26.25 -20.76 -24.39
N PRO A 487 27.50 -20.41 -24.07
CA PRO A 487 27.89 -19.69 -22.87
C PRO A 487 27.46 -18.23 -22.94
N LEU A 488 26.95 -17.72 -21.82
CA LEU A 488 26.54 -16.34 -21.75
C LEU A 488 27.64 -15.45 -22.34
N THR A 489 27.33 -14.73 -23.42
CA THR A 489 28.24 -13.83 -24.09
C THR A 489 27.59 -12.47 -24.25
N ILE A 490 28.32 -11.44 -23.88
CA ILE A 490 27.76 -10.11 -23.69
C ILE A 490 28.66 -9.05 -24.35
N ASP A 491 28.06 -8.20 -25.17
CA ASP A 491 28.69 -7.02 -25.70
C ASP A 491 28.38 -5.90 -24.71
N LEU A 492 29.39 -5.37 -24.08
CA LEU A 492 29.17 -4.32 -23.06
C LEU A 492 28.82 -2.94 -23.63
N GLY A 493 28.99 -2.75 -24.95
CA GLY A 493 28.48 -1.55 -25.64
C GLY A 493 29.55 -0.54 -25.95
N LYS A 494 30.69 -0.59 -25.22
CA LYS A 494 31.89 0.16 -25.57
C LYS A 494 33.11 -0.54 -25.00
N THR A 495 34.30 -0.11 -25.43
CA THR A 495 35.55 -0.55 -24.84
C THR A 495 35.73 0.00 -23.43
N VAL A 496 35.92 -0.89 -22.47
CA VAL A 496 36.25 -0.47 -21.11
C VAL A 496 37.45 -1.22 -20.56
N THR A 497 37.96 -0.72 -19.44
CA THR A 497 38.94 -1.43 -18.67
C THR A 497 38.29 -1.91 -17.38
N LEU A 498 38.37 -3.22 -17.15
CA LEU A 498 37.72 -3.87 -16.00
C LEU A 498 38.70 -4.18 -14.84
N SER A 499 38.28 -3.94 -13.59
CA SER A 499 39.00 -4.45 -12.41
C SER A 499 38.43 -5.78 -11.86
N SER A 500 37.23 -6.14 -12.29
CA SER A 500 36.57 -7.35 -11.75
C SER A 500 35.32 -7.62 -12.55
N PHE A 501 34.83 -8.86 -12.43
CA PHE A 501 33.44 -9.19 -12.75
C PHE A 501 32.85 -9.83 -11.49
N THR A 502 31.54 -9.78 -11.42
CA THR A 502 30.81 -10.38 -10.30
C THR A 502 29.77 -11.32 -10.86
N TYR A 503 29.61 -12.46 -10.20
CA TYR A 503 28.50 -13.35 -10.49
C TYR A 503 27.56 -13.26 -9.30
N ALA A 504 26.28 -12.91 -9.54
CA ALA A 504 25.28 -12.71 -8.48
C ALA A 504 24.07 -13.54 -8.84
N PRO A 505 24.01 -14.79 -8.35
CA PRO A 505 22.81 -15.61 -8.55
C PRO A 505 21.53 -14.81 -8.28
N SER A 506 20.58 -14.90 -9.22
CA SER A 506 19.29 -14.19 -9.14
C SER A 506 18.63 -14.41 -7.77
N LYS A 507 18.19 -13.30 -7.15
CA LYS A 507 17.53 -13.29 -5.84
C LYS A 507 18.40 -13.83 -4.69
N ALA A 508 19.71 -13.96 -4.94
CA ALA A 508 20.65 -14.51 -3.98
C ALA A 508 20.10 -15.82 -3.45
N GLU A 509 19.69 -16.69 -4.39
CA GLU A 509 19.13 -17.97 -4.00
C GLU A 509 19.87 -19.10 -4.67
N VAL A 510 20.06 -20.18 -3.93
CA VAL A 510 20.69 -21.37 -4.44
C VAL A 510 19.76 -22.01 -5.47
N LYS A 511 20.34 -22.66 -6.45
CA LYS A 511 19.59 -23.40 -7.48
CA LYS A 511 19.58 -23.46 -7.41
C LYS A 511 20.51 -24.44 -8.11
N PRO A 512 19.95 -25.59 -8.54
CA PRO A 512 20.75 -26.62 -9.23
C PRO A 512 21.53 -26.14 -10.46
N THR A 513 20.98 -25.16 -11.15
CA THR A 513 21.55 -24.65 -12.40
C THR A 513 22.63 -23.52 -12.27
N MSE A 514 22.96 -23.15 -11.03
CA MSE A 514 23.89 -22.02 -10.80
C MSE A 514 25.31 -22.36 -11.25
O MSE A 514 25.69 -23.54 -11.30
CB MSE A 514 23.90 -21.61 -9.33
CG MSE A 514 24.55 -22.64 -8.39
SE MSE A 514 24.03 -22.29 -6.54
CE MSE A 514 24.21 -20.31 -6.52
N ALA A 515 26.10 -21.32 -11.57
CA ALA A 515 27.50 -21.52 -11.91
C ALA A 515 28.33 -21.84 -10.66
N PHE A 516 29.30 -22.74 -10.83
CA PHE A 516 30.25 -23.08 -9.80
C PHE A 516 31.70 -23.03 -10.36
N ARG A 517 32.00 -23.92 -11.29
CA ARG A 517 33.31 -23.89 -11.98
C ARG A 517 33.17 -23.01 -13.22
N TYR A 518 34.14 -22.14 -13.47
CA TYR A 518 33.97 -21.23 -14.56
C TYR A 518 35.29 -20.84 -15.21
N GLN A 519 35.17 -20.33 -16.44
CA GLN A 519 36.27 -19.64 -17.11
C GLN A 519 35.67 -18.37 -17.69
N PHE A 520 36.34 -17.27 -17.45
CA PHE A 520 35.88 -15.98 -17.89
C PHE A 520 36.80 -15.52 -19.01
N PHE A 521 36.21 -14.97 -20.06
CA PHE A 521 36.94 -14.58 -21.27
C PHE A 521 36.60 -13.17 -21.68
N VAL A 522 37.54 -12.51 -22.36
CA VAL A 522 37.29 -11.17 -22.88
C VAL A 522 37.68 -11.10 -24.37
N SER A 523 37.06 -10.18 -25.10
CA SER A 523 37.37 -9.96 -26.51
C SER A 523 37.10 -8.52 -26.88
N MSE A 524 37.86 -8.02 -27.84
CA MSE A 524 37.58 -6.70 -28.43
C MSE A 524 36.58 -6.74 -29.60
O MSE A 524 35.87 -5.74 -29.85
CB MSE A 524 38.90 -6.04 -28.86
CG MSE A 524 39.88 -5.84 -27.69
SE MSE A 524 39.20 -4.60 -26.32
CE MSE A 524 39.11 -2.98 -27.41
N ASP A 525 36.54 -7.87 -30.30
CA ASP A 525 35.77 -8.01 -31.52
C ASP A 525 34.69 -9.10 -31.44
N GLY A 526 34.63 -9.83 -30.34
CA GLY A 526 33.63 -10.87 -30.15
C GLY A 526 33.94 -12.18 -30.83
N LYS A 527 35.15 -12.29 -31.40
CA LYS A 527 35.55 -13.50 -32.11
C LYS A 527 36.80 -14.15 -31.48
N SER A 528 37.80 -13.30 -31.21
CA SER A 528 39.08 -13.73 -30.56
C SER A 528 38.91 -13.55 -29.07
N TRP A 529 38.96 -14.68 -28.35
CA TRP A 529 38.72 -14.75 -26.93
C TRP A 529 39.96 -15.15 -26.13
N LYS A 530 40.29 -14.30 -25.18
CA LYS A 530 41.37 -14.55 -24.24
C LYS A 530 40.79 -14.85 -22.87
N GLU A 531 41.32 -15.91 -22.25
CA GLU A 531 40.93 -16.23 -20.88
C GLU A 531 41.54 -15.22 -19.90
N VAL A 532 40.76 -14.84 -18.91
CA VAL A 532 41.23 -13.99 -17.84
C VAL A 532 41.57 -14.92 -16.70
N PRO A 533 42.83 -14.85 -16.20
CA PRO A 533 43.17 -15.79 -15.14
C PRO A 533 42.35 -15.54 -13.87
N ALA A 534 41.92 -16.63 -13.28
CA ALA A 534 41.09 -16.55 -12.07
C ALA A 534 41.11 -17.93 -11.43
N SER A 535 40.58 -18.01 -10.20
CA SER A 535 40.56 -19.27 -9.47
C SER A 535 39.72 -20.33 -10.25
N GLY A 536 38.70 -19.89 -10.97
CA GLY A 536 37.83 -20.82 -11.70
C GLY A 536 36.77 -21.53 -10.86
N GLU A 537 36.65 -21.09 -9.60
CA GLU A 537 35.66 -21.65 -8.69
C GLU A 537 35.01 -20.54 -7.90
N PHE A 538 33.68 -20.51 -7.94
CA PHE A 538 32.90 -19.60 -7.09
C PHE A 538 32.72 -20.36 -5.80
N SER A 539 33.76 -20.33 -4.98
CA SER A 539 33.84 -21.25 -3.85
C SER A 539 32.67 -21.03 -2.90
N ASN A 540 32.06 -22.15 -2.51
CA ASN A 540 30.97 -22.21 -1.54
C ASN A 540 29.65 -21.57 -2.00
N ILE A 541 29.54 -21.28 -3.30
CA ILE A 541 28.35 -20.53 -3.78
C ILE A 541 27.04 -21.30 -3.56
N MSE A 542 27.12 -22.63 -3.59
CA MSE A 542 25.98 -23.51 -3.42
C MSE A 542 25.51 -23.54 -1.96
O MSE A 542 24.45 -24.04 -1.70
CB MSE A 542 26.28 -24.93 -3.98
CG MSE A 542 27.12 -25.83 -3.09
SE MSE A 542 29.04 -25.35 -2.98
CE MSE A 542 29.70 -26.94 -4.02
N HIS A 543 26.31 -23.03 -1.03
CA HIS A 543 25.90 -22.79 0.34
C HIS A 543 25.78 -21.30 0.70
N ASN A 544 26.21 -20.40 -0.18
CA ASN A 544 26.18 -18.96 0.05
C ASN A 544 26.03 -18.25 -1.30
N PRO A 545 24.77 -18.01 -1.71
CA PRO A 545 24.52 -17.52 -3.08
C PRO A 545 24.61 -15.99 -3.20
N LEU A 546 25.28 -15.35 -2.25
CA LEU A 546 25.45 -13.90 -2.32
C LEU A 546 26.46 -13.62 -3.44
N PRO A 547 26.48 -12.36 -3.92
CA PRO A 547 27.36 -12.07 -5.08
C PRO A 547 28.81 -12.34 -4.80
N GLN A 548 29.54 -12.83 -5.81
CA GLN A 548 30.98 -13.04 -5.69
C GLN A 548 31.65 -12.23 -6.73
N THR A 549 32.49 -11.31 -6.25
CA THR A 549 33.26 -10.42 -7.12
C THR A 549 34.64 -11.05 -7.31
N VAL A 550 35.02 -11.25 -8.58
CA VAL A 550 36.33 -11.85 -8.92
C VAL A 550 37.22 -10.71 -9.29
N ALA A 551 38.19 -10.42 -8.42
CA ALA A 551 39.09 -9.31 -8.58
C ALA A 551 40.16 -9.81 -9.55
N PHE A 552 40.42 -9.06 -10.60
CA PHE A 552 41.47 -9.43 -11.56
C PHE A 552 42.84 -9.02 -11.04
N SER A 553 43.85 -9.84 -11.32
CA SER A 553 45.27 -9.49 -11.06
C SER A 553 45.76 -8.29 -11.86
N GLN A 554 45.22 -8.12 -13.07
CA GLN A 554 45.61 -7.06 -13.99
C GLN A 554 44.36 -6.37 -14.47
N LYS A 555 44.52 -5.11 -14.86
CA LYS A 555 43.48 -4.36 -15.55
C LYS A 555 43.19 -5.08 -16.88
N VAL A 556 41.92 -5.30 -17.19
CA VAL A 556 41.55 -6.14 -18.31
C VAL A 556 40.74 -5.31 -19.32
N GLN A 557 41.27 -5.10 -20.52
CA GLN A 557 40.55 -4.36 -21.53
C GLN A 557 39.51 -5.28 -22.19
N ALA A 558 38.29 -4.77 -22.41
CA ALA A 558 37.25 -5.59 -22.97
C ALA A 558 36.12 -4.78 -23.63
N ARG A 559 35.57 -5.38 -24.68
CA ARG A 559 34.34 -4.92 -25.33
C ARG A 559 33.27 -5.98 -25.12
N PHE A 560 33.65 -7.25 -25.28
CA PHE A 560 32.76 -8.39 -25.09
C PHE A 560 33.30 -9.20 -23.92
N ILE A 561 32.40 -9.84 -23.17
CA ILE A 561 32.80 -10.77 -22.12
C ILE A 561 32.04 -12.05 -22.34
N LYS A 562 32.57 -13.13 -21.81
CA LYS A 562 31.98 -14.45 -21.93
C LYS A 562 32.25 -15.25 -20.67
N LEU A 563 31.23 -15.90 -20.14
CA LEU A 563 31.39 -16.81 -19.00
C LEU A 563 31.00 -18.21 -19.40
N GLU A 564 31.96 -19.14 -19.37
CA GLU A 564 31.72 -20.58 -19.53
C GLU A 564 31.65 -21.17 -18.13
N ALA A 565 30.59 -21.89 -17.80
CA ALA A 565 30.47 -22.43 -16.46
C ALA A 565 29.71 -23.75 -16.38
N THR A 566 30.11 -24.54 -15.38
CA THR A 566 29.39 -25.74 -14.97
C THR A 566 28.90 -25.61 -13.52
N THR A 567 27.90 -26.42 -13.21
CA THR A 567 27.16 -26.30 -11.98
C THR A 567 27.81 -27.17 -10.92
N PRO A 568 27.29 -27.10 -9.67
CA PRO A 568 27.78 -28.04 -8.66
C PRO A 568 27.69 -29.53 -9.05
N ASP A 569 26.71 -29.89 -9.91
CA ASP A 569 26.57 -31.27 -10.44
C ASP A 569 27.41 -31.56 -11.70
N ALA A 570 28.28 -30.62 -12.10
CA ALA A 570 29.04 -30.72 -13.38
C ALA A 570 28.17 -30.78 -14.66
N THR A 571 26.96 -30.22 -14.62
CA THR A 571 26.18 -29.93 -15.82
C THR A 571 26.52 -28.52 -16.32
N VAL A 572 26.01 -28.16 -17.49
CA VAL A 572 26.16 -26.82 -18.02
C VAL A 572 25.32 -25.81 -17.20
N ALA A 573 25.95 -24.77 -16.68
CA ALA A 573 25.22 -23.77 -15.90
C ALA A 573 24.39 -22.88 -16.80
N LYS A 574 23.35 -22.30 -16.21
CA LYS A 574 22.59 -21.25 -16.84
C LYS A 574 22.80 -19.96 -16.08
N VAL A 575 23.26 -18.97 -16.82
CA VAL A 575 23.53 -17.66 -16.27
C VAL A 575 22.79 -16.62 -17.12
N ASN A 576 22.15 -15.66 -16.47
CA ASN A 576 21.45 -14.55 -17.10
C ASN A 576 22.37 -13.33 -17.09
N MSE A 577 22.24 -12.47 -18.08
CA MSE A 577 22.98 -11.23 -18.09
C MSE A 577 22.81 -10.36 -16.79
O MSE A 577 23.74 -9.64 -16.38
CB MSE A 577 22.52 -10.43 -19.30
CG MSE A 577 23.46 -9.36 -19.66
SE MSE A 577 23.07 -8.69 -21.46
CE MSE A 577 21.63 -7.46 -21.01
N ASN A 578 21.61 -10.39 -16.20
CA ASN A 578 21.34 -9.66 -14.95
C ASN A 578 22.09 -10.23 -13.72
N GLU A 579 22.67 -11.43 -13.85
CA GLU A 579 23.49 -12.04 -12.79
C GLU A 579 24.99 -11.71 -12.94
N ILE A 580 25.35 -10.95 -13.96
CA ILE A 580 26.72 -10.58 -14.17
C ILE A 580 26.87 -9.10 -13.90
N GLY A 581 27.96 -8.72 -13.23
CA GLY A 581 28.36 -7.30 -13.10
C GLY A 581 29.83 -7.17 -13.49
N VAL A 582 30.23 -5.93 -13.73
CA VAL A 582 31.61 -5.59 -13.93
C VAL A 582 31.92 -4.25 -13.25
N MSE A 583 33.21 -4.05 -12.94
CA MSE A 583 33.69 -2.79 -12.43
C MSE A 583 34.67 -2.23 -13.43
O MSE A 583 35.70 -2.85 -13.72
CB MSE A 583 34.34 -2.92 -11.06
CG MSE A 583 33.34 -3.33 -9.98
SE MSE A 583 31.97 -1.94 -9.60
CE MSE A 583 33.15 -0.58 -8.80
N VAL A 584 34.27 -1.10 -14.00
CA VAL A 584 35.08 -0.30 -14.91
C VAL A 584 35.94 0.66 -14.08
N ILE A 585 37.17 0.87 -14.50
CA ILE A 585 38.09 1.76 -13.81
C ILE A 585 37.90 3.16 -14.37
C1 EDO B . -3.09 -2.60 11.78
O1 EDO B . -1.68 -2.64 11.94
C2 EDO B . -3.71 -3.92 12.22
O2 EDO B . -3.85 -3.91 13.65
C1 EDO C . -24.37 7.26 2.62
O1 EDO C . -25.46 8.00 3.17
C2 EDO C . -24.84 6.15 1.70
O2 EDO C . -25.21 4.97 2.41
C1 EDO D . 0.97 1.63 12.24
O1 EDO D . 2.21 1.91 12.87
C2 EDO D . 1.24 0.68 11.09
O2 EDO D . 1.95 -0.47 11.58
C1 EDO E . 27.12 -20.44 -18.64
O1 EDO E . 27.29 -19.28 -19.45
C2 EDO E . 27.26 -21.72 -19.46
O2 EDO E . 28.59 -21.79 -19.99
C1 EDO F . -9.32 9.21 -9.28
O1 EDO F . -10.30 9.65 -8.32
C2 EDO F . -9.34 7.70 -9.62
O2 EDO F . -10.37 7.46 -10.59
C1 EDO G . -6.15 11.72 -9.78
O1 EDO G . -4.96 12.48 -10.01
C2 EDO G . -5.79 10.55 -8.85
O2 EDO G . -5.36 10.99 -7.56
C1 EDO H . -23.88 11.17 0.34
O1 EDO H . -24.98 10.51 -0.31
C2 EDO H . -24.23 11.49 1.77
O2 EDO H . -24.26 10.33 2.60
#